data_1YNS
#
_entry.id   1YNS
#
_cell.length_a   54.017
_cell.length_b   57.546
_cell.length_c   87.318
_cell.angle_alpha   90.00
_cell.angle_beta   90.00
_cell.angle_gamma   90.00
#
_symmetry.space_group_name_H-M   'P 21 21 21'
#
loop_
_entity.id
_entity.type
_entity.pdbx_description
1 polymer 'E-1 enzyme'
2 non-polymer 'MAGNESIUM ION'
3 non-polymer '2-OXOHEPTYLPHOSPHONIC ACID'
4 water water
#
_entity_poly.entity_id   1
_entity_poly.type   'polypeptide(L)'
_entity_poly.pdbx_seq_one_letter_code
;MVVLSVPAEVTVILLDIEGTTTPIAFVKDILFPYIEENVKEYLQTHWEEEECQQDVSLLRKQAEEDAHLDGAVPIPAASG
NGVDDLQQMIQAVVDNVCWQMSLDRKTTALKQLQGHMWRAAFTAGRMKAEFFADVVPAVRKWREAGMKVYIYSSGSVEAQ
KLLFGHSTEGDILELVDGHFDTKIGHKVESESYRKIADSIGCSTNNILFLTDVTREASAAEEADVHVAVVVRPGNAGLTD
DEKTYYSLITSFSELYLPSST
;
_entity_poly.pdbx_strand_id   A
#
loop_
_chem_comp.id
_chem_comp.type
_chem_comp.name
_chem_comp.formula
HPO non-polymer '2-OXOHEPTYLPHOSPHONIC ACID' 'C7 H15 O4 P'
MG non-polymer 'MAGNESIUM ION' 'Mg 2'
#
# COMPACT_ATOMS: atom_id res chain seq x y z
N LEU A 4 4.75 24.48 3.39
CA LEU A 4 6.08 25.05 3.06
C LEU A 4 6.96 25.04 4.31
N SER A 5 6.62 25.85 5.30
CA SER A 5 7.39 25.91 6.55
C SER A 5 6.65 25.14 7.64
N VAL A 6 7.24 24.03 8.07
CA VAL A 6 6.64 23.19 9.10
C VAL A 6 6.51 23.86 10.45
N PRO A 7 5.36 23.67 11.13
CA PRO A 7 5.19 24.31 12.44
C PRO A 7 6.24 23.75 13.40
N ALA A 8 6.70 24.60 14.31
CA ALA A 8 7.73 24.21 15.27
C ALA A 8 7.39 22.99 16.12
N GLU A 9 6.10 22.77 16.36
CA GLU A 9 5.67 21.65 17.19
C GLU A 9 5.75 20.28 16.50
N VAL A 10 5.96 20.25 15.19
CA VAL A 10 6.03 18.97 14.47
C VAL A 10 7.34 18.23 14.72
N THR A 11 7.23 16.95 15.06
CA THR A 11 8.39 16.10 15.32
C THR A 11 8.29 14.83 14.48
N VAL A 12 7.16 14.66 13.79
CA VAL A 12 6.92 13.48 12.95
C VAL A 12 6.30 13.79 11.59
N ILE A 13 6.84 13.15 10.54
CA ILE A 13 6.30 13.32 9.20
C ILE A 13 5.66 12.00 8.79
N LEU A 14 4.36 12.02 8.53
CA LEU A 14 3.64 10.81 8.13
C LEU A 14 3.44 10.86 6.61
N LEU A 15 3.89 9.81 5.93
CA LEU A 15 3.83 9.78 4.47
C LEU A 15 2.90 8.77 3.81
N ASP A 16 2.07 9.28 2.91
CA ASP A 16 1.19 8.44 2.09
C ASP A 16 2.16 7.91 1.04
N ILE A 17 1.79 6.87 0.29
CA ILE A 17 2.68 6.33 -0.74
C ILE A 17 2.18 6.70 -2.16
N GLU A 18 1.14 6.03 -2.66
CA GLU A 18 0.64 6.31 -4.00
C GLU A 18 0.24 7.77 -4.23
N GLY A 19 0.79 8.36 -5.29
CA GLY A 19 0.49 9.75 -5.61
C GLY A 19 1.26 10.73 -4.74
N THR A 20 2.02 10.21 -3.78
CA THR A 20 2.80 11.06 -2.87
C THR A 20 4.30 10.82 -2.98
N THR A 21 4.75 9.62 -2.63
CA THR A 21 6.18 9.30 -2.75
C THR A 21 6.39 8.51 -4.03
N THR A 22 5.31 7.91 -4.50
CA THR A 22 5.34 7.04 -5.66
C THR A 22 4.24 7.37 -6.67
N PRO A 23 4.58 7.42 -7.97
CA PRO A 23 3.55 7.74 -8.97
C PRO A 23 2.41 6.74 -9.03
N ILE A 24 1.22 7.25 -9.33
CA ILE A 24 0.04 6.40 -9.45
C ILE A 24 0.25 5.36 -10.55
N ALA A 25 0.91 5.77 -11.63
CA ALA A 25 1.17 4.88 -12.76
C ALA A 25 1.88 3.59 -12.32
N PHE A 26 2.82 3.70 -11.39
CA PHE A 26 3.54 2.52 -10.94
C PHE A 26 2.61 1.56 -10.21
N VAL A 27 1.83 2.11 -9.28
CA VAL A 27 0.91 1.29 -8.51
C VAL A 27 -0.18 0.70 -9.39
N LYS A 28 -0.90 1.55 -10.11
CA LYS A 28 -2.01 1.09 -10.95
C LYS A 28 -1.64 0.28 -12.19
N ASP A 29 -0.56 0.66 -12.86
CA ASP A 29 -0.19 -0.03 -14.09
C ASP A 29 0.94 -1.03 -14.02
N ILE A 30 1.60 -1.13 -12.87
CA ILE A 30 2.69 -2.08 -12.75
C ILE A 30 2.52 -3.04 -11.58
N LEU A 31 2.50 -2.49 -10.36
CA LEU A 31 2.38 -3.31 -9.17
C LEU A 31 1.21 -4.29 -9.15
N PHE A 32 -0.01 -3.81 -9.40
CA PHE A 32 -1.14 -4.72 -9.38
C PHE A 32 -1.31 -5.59 -10.61
N PRO A 33 -1.14 -5.04 -11.82
CA PRO A 33 -1.29 -5.91 -12.99
C PRO A 33 -0.33 -7.10 -12.95
N TYR A 34 0.80 -6.92 -12.28
CA TYR A 34 1.81 -7.97 -12.16
C TYR A 34 1.17 -9.24 -11.58
N ILE A 35 0.27 -9.05 -10.62
CA ILE A 35 -0.40 -10.17 -9.99
C ILE A 35 -1.19 -11.00 -11.00
N GLU A 36 -2.05 -10.33 -11.77
CA GLU A 36 -2.85 -11.05 -12.76
C GLU A 36 -1.96 -11.78 -13.77
N GLU A 37 -0.83 -11.20 -14.13
CA GLU A 37 0.08 -11.81 -15.10
C GLU A 37 0.85 -13.01 -14.55
N ASN A 38 1.06 -13.04 -13.25
CA ASN A 38 1.87 -14.12 -12.66
C ASN A 38 1.21 -15.12 -11.71
N VAL A 39 -0.05 -14.93 -11.37
CA VAL A 39 -0.65 -15.85 -10.42
C VAL A 39 -0.68 -17.32 -10.86
N LYS A 40 -0.99 -17.61 -12.13
CA LYS A 40 -1.01 -19.02 -12.56
C LYS A 40 0.38 -19.65 -12.47
N GLU A 41 1.39 -18.98 -13.04
CA GLU A 41 2.77 -19.47 -13.00
C GLU A 41 3.23 -19.67 -11.55
N TYR A 42 2.95 -18.68 -10.71
CA TYR A 42 3.32 -18.72 -9.31
C TYR A 42 2.71 -19.94 -8.61
N LEU A 43 1.40 -20.12 -8.77
CA LEU A 43 0.73 -21.25 -8.13
C LEU A 43 1.23 -22.59 -8.68
N GLN A 44 1.49 -22.65 -9.98
CA GLN A 44 1.99 -23.89 -10.60
C GLN A 44 3.34 -24.28 -9.99
N THR A 45 4.22 -23.31 -9.89
CA THR A 45 5.57 -23.52 -9.37
C THR A 45 5.69 -23.79 -7.88
N HIS A 46 4.90 -23.09 -7.07
CA HIS A 46 4.99 -23.23 -5.61
C HIS A 46 3.84 -23.91 -4.91
N TRP A 47 3.04 -24.66 -5.65
CA TRP A 47 1.89 -25.34 -5.07
C TRP A 47 2.23 -26.18 -3.84
N GLU A 48 3.36 -26.87 -3.88
CA GLU A 48 3.77 -27.74 -2.77
C GLU A 48 4.23 -26.99 -1.52
N GLU A 49 4.57 -25.72 -1.67
CA GLU A 49 5.01 -24.93 -0.51
C GLU A 49 3.93 -24.85 0.55
N GLU A 50 4.34 -25.04 1.81
CA GLU A 50 3.42 -24.95 2.93
C GLU A 50 2.72 -23.59 2.93
N GLU A 51 3.47 -22.54 2.63
CA GLU A 51 2.90 -21.20 2.62
C GLU A 51 1.85 -21.05 1.53
N CYS A 52 2.12 -21.63 0.36
CA CYS A 52 1.19 -21.56 -0.74
C CYS A 52 -0.09 -22.33 -0.40
N GLN A 53 0.08 -23.50 0.21
CA GLN A 53 -1.07 -24.30 0.60
C GLN A 53 -1.94 -23.53 1.58
N GLN A 54 -1.31 -22.79 2.49
CA GLN A 54 -2.04 -21.99 3.47
C GLN A 54 -2.75 -20.83 2.77
N ASP A 55 -2.09 -20.24 1.78
CA ASP A 55 -2.70 -19.14 1.04
C ASP A 55 -3.94 -19.61 0.30
N VAL A 56 -3.82 -20.74 -0.38
CA VAL A 56 -4.94 -21.29 -1.14
C VAL A 56 -6.09 -21.67 -0.21
N SER A 57 -5.71 -22.12 0.99
CA SER A 57 -6.70 -22.51 1.99
C SER A 57 -7.53 -21.30 2.35
N LEU A 58 -6.86 -20.17 2.60
CA LEU A 58 -7.55 -18.94 2.94
C LEU A 58 -8.47 -18.51 1.79
N LEU A 59 -7.97 -18.60 0.56
CA LEU A 59 -8.76 -18.21 -0.59
C LEU A 59 -9.98 -19.11 -0.77
N ARG A 60 -9.84 -20.37 -0.39
CA ARG A 60 -10.97 -21.30 -0.51
C ARG A 60 -12.04 -20.89 0.48
N LYS A 61 -11.62 -20.58 1.71
CA LYS A 61 -12.56 -20.16 2.74
C LYS A 61 -13.30 -18.92 2.27
N GLN A 62 -12.54 -17.95 1.75
CA GLN A 62 -13.13 -16.72 1.27
C GLN A 62 -14.11 -16.98 0.13
N ALA A 63 -13.72 -17.88 -0.77
CA ALA A 63 -14.57 -18.23 -1.91
C ALA A 63 -15.91 -18.78 -1.42
N GLU A 64 -15.87 -19.52 -0.32
CA GLU A 64 -17.10 -20.09 0.25
C GLU A 64 -17.98 -18.98 0.81
N GLU A 65 -17.38 -17.98 1.42
CA GLU A 65 -18.13 -16.87 1.99
C GLU A 65 -18.73 -15.96 0.93
N ASP A 66 -18.12 -15.92 -0.25
CA ASP A 66 -18.62 -15.08 -1.34
C ASP A 66 -19.53 -15.84 -2.29
N ALA A 67 -19.74 -17.12 -2.02
CA ALA A 67 -20.55 -17.98 -2.88
C ALA A 67 -21.91 -17.39 -3.28
N HIS A 68 -22.46 -16.52 -2.43
CA HIS A 68 -23.75 -15.91 -2.70
C HIS A 68 -23.69 -14.73 -3.67
N LEU A 69 -22.51 -14.15 -3.82
CA LEU A 69 -22.35 -12.99 -4.71
C LEU A 69 -22.50 -13.38 -6.19
N ASP A 70 -23.20 -12.55 -6.93
CA ASP A 70 -23.41 -12.79 -8.35
C ASP A 70 -22.05 -12.62 -9.05
N GLY A 71 -21.68 -13.62 -9.85
CA GLY A 71 -20.41 -13.57 -10.55
C GLY A 71 -19.27 -14.15 -9.73
N ALA A 72 -19.57 -14.59 -8.51
CA ALA A 72 -18.53 -15.17 -7.66
C ALA A 72 -17.93 -16.40 -8.31
N VAL A 73 -16.61 -16.54 -8.19
CA VAL A 73 -15.89 -17.67 -8.76
C VAL A 73 -15.62 -18.67 -7.65
N PRO A 74 -16.11 -19.91 -7.80
CA PRO A 74 -15.86 -20.89 -6.74
C PRO A 74 -14.50 -21.56 -6.82
N ILE A 75 -14.03 -22.06 -5.68
CA ILE A 75 -12.76 -22.79 -5.65
C ILE A 75 -13.17 -24.13 -5.10
N PRO A 76 -13.84 -24.92 -5.94
CA PRO A 76 -14.33 -26.27 -5.61
C PRO A 76 -13.24 -27.21 -5.11
N ALA A 77 -13.68 -28.19 -4.34
CA ALA A 77 -12.79 -29.19 -3.79
C ALA A 77 -12.23 -29.93 -4.97
N ALA A 78 -10.91 -30.17 -4.96
CA ALA A 78 -10.26 -30.87 -6.04
C ALA A 78 -10.99 -32.15 -6.42
N SER A 79 -10.77 -32.63 -7.64
CA SER A 79 -11.42 -33.84 -8.13
C SER A 79 -10.55 -35.06 -7.86
N GLY A 80 -9.27 -34.80 -7.59
CA GLY A 80 -8.31 -35.84 -7.32
C GLY A 80 -6.98 -35.16 -7.05
N ASN A 81 -5.88 -35.92 -7.09
CA ASN A 81 -4.58 -35.31 -6.87
C ASN A 81 -3.64 -35.52 -8.05
N GLY A 82 -4.20 -35.74 -9.23
CA GLY A 82 -3.37 -35.92 -10.42
C GLY A 82 -3.01 -34.56 -10.99
N VAL A 83 -2.07 -34.50 -11.93
CA VAL A 83 -1.69 -33.22 -12.52
C VAL A 83 -2.84 -32.57 -13.28
N ASP A 84 -3.78 -33.40 -13.76
CA ASP A 84 -4.93 -32.87 -14.47
C ASP A 84 -5.87 -32.19 -13.47
N ASP A 85 -6.09 -32.84 -12.33
CA ASP A 85 -6.94 -32.27 -11.31
C ASP A 85 -6.33 -30.97 -10.79
N LEU A 86 -5.00 -30.96 -10.64
CA LEU A 86 -4.30 -29.78 -10.16
C LEU A 86 -4.43 -28.62 -11.14
N GLN A 87 -4.34 -28.91 -12.43
CA GLN A 87 -4.45 -27.86 -13.42
C GLN A 87 -5.82 -27.19 -13.29
N GLN A 88 -6.86 -28.00 -13.09
CA GLN A 88 -8.21 -27.48 -12.96
C GLN A 88 -8.34 -26.63 -11.69
N MET A 89 -7.75 -27.11 -10.60
CA MET A 89 -7.78 -26.40 -9.34
C MET A 89 -7.13 -25.02 -9.50
N ILE A 90 -5.90 -25.03 -10.02
CA ILE A 90 -5.15 -23.79 -10.24
C ILE A 90 -5.97 -22.76 -11.02
N GLN A 91 -6.60 -23.20 -12.11
CA GLN A 91 -7.41 -22.28 -12.92
C GLN A 91 -8.50 -21.63 -12.06
N ALA A 92 -9.14 -22.42 -11.21
CA ALA A 92 -10.19 -21.88 -10.35
C ALA A 92 -9.62 -20.81 -9.44
N VAL A 93 -8.47 -21.06 -8.83
CA VAL A 93 -7.88 -20.06 -7.94
C VAL A 93 -7.51 -18.81 -8.73
N VAL A 94 -6.93 -19.00 -9.91
CA VAL A 94 -6.54 -17.88 -10.76
C VAL A 94 -7.78 -17.04 -11.09
N ASP A 95 -8.84 -17.71 -11.55
CA ASP A 95 -10.07 -17.02 -11.90
C ASP A 95 -10.66 -16.28 -10.71
N ASN A 96 -10.60 -16.89 -9.54
CA ASN A 96 -11.14 -16.25 -8.35
C ASN A 96 -10.34 -15.01 -8.01
N VAL A 97 -9.01 -15.11 -8.08
CA VAL A 97 -8.15 -13.98 -7.78
C VAL A 97 -8.41 -12.82 -8.73
N CYS A 98 -8.45 -13.10 -10.02
CA CYS A 98 -8.70 -12.03 -10.99
C CYS A 98 -10.08 -11.39 -10.78
N TRP A 99 -11.06 -12.22 -10.40
CA TRP A 99 -12.40 -11.70 -10.16
C TRP A 99 -12.36 -10.70 -9.00
N GLN A 100 -11.76 -11.11 -7.89
CA GLN A 100 -11.66 -10.23 -6.73
C GLN A 100 -10.97 -8.93 -7.10
N MET A 101 -9.96 -9.01 -7.95
CA MET A 101 -9.23 -7.82 -8.36
C MET A 101 -10.04 -6.95 -9.32
N SER A 102 -10.88 -7.56 -10.14
CA SER A 102 -11.69 -6.77 -11.10
C SER A 102 -12.58 -5.84 -10.30
N LEU A 103 -13.20 -6.25 -9.27
CA LEU A 103 -13.92 -5.35 -8.37
C LEU A 103 -13.27 -4.60 -7.33
N ASP A 104 -12.21 -4.85 -6.84
CA ASP A 104 -11.40 -3.96 -5.91
C ASP A 104 -11.87 -4.65 -4.64
N ARG A 105 -12.10 -5.68 -4.48
CA ARG A 105 -12.25 -6.50 -3.29
C ARG A 105 -10.88 -6.81 -2.67
N LYS A 106 -10.53 -6.07 -1.61
CA LYS A 106 -9.23 -6.34 -0.99
C LYS A 106 -9.37 -7.11 0.33
N THR A 107 -9.67 -8.41 0.19
CA THR A 107 -9.81 -9.29 1.35
C THR A 107 -8.43 -9.72 1.85
N THR A 108 -8.36 -10.27 3.06
CA THR A 108 -7.09 -10.70 3.60
C THR A 108 -6.55 -11.88 2.79
N ALA A 109 -7.46 -12.73 2.31
CA ALA A 109 -7.03 -13.88 1.53
C ALA A 109 -6.30 -13.38 0.27
N LEU A 110 -6.90 -12.41 -0.41
CA LEU A 110 -6.29 -11.88 -1.62
C LEU A 110 -4.97 -11.15 -1.31
N LYS A 111 -5.00 -10.24 -0.34
CA LYS A 111 -3.80 -9.48 0.01
C LYS A 111 -2.64 -10.36 0.42
N GLN A 112 -2.96 -11.44 1.13
CA GLN A 112 -1.95 -12.36 1.59
C GLN A 112 -1.20 -13.00 0.43
N LEU A 113 -1.94 -13.48 -0.57
CA LEU A 113 -1.29 -14.09 -1.73
C LEU A 113 -0.51 -13.04 -2.50
N GLN A 114 -1.09 -11.86 -2.68
CA GLN A 114 -0.39 -10.81 -3.42
C GLN A 114 0.97 -10.51 -2.79
N GLY A 115 0.99 -10.41 -1.46
CA GLY A 115 2.22 -10.10 -0.75
C GLY A 115 3.32 -11.15 -0.96
N HIS A 116 2.92 -12.41 -0.99
CA HIS A 116 3.89 -13.47 -1.19
C HIS A 116 4.41 -13.48 -2.62
N MET A 117 3.54 -13.10 -3.55
CA MET A 117 3.91 -13.05 -4.95
C MET A 117 4.85 -11.87 -5.16
N TRP A 118 4.53 -10.73 -4.54
CA TRP A 118 5.38 -9.55 -4.68
C TRP A 118 6.77 -9.81 -4.06
N ARG A 119 6.81 -10.62 -3.00
CA ARG A 119 8.11 -10.91 -2.39
C ARG A 119 9.04 -11.50 -3.42
N ALA A 120 8.50 -12.37 -4.28
CA ALA A 120 9.32 -12.99 -5.32
C ALA A 120 9.72 -11.98 -6.38
N ALA A 121 8.78 -11.12 -6.78
CA ALA A 121 9.06 -10.12 -7.79
C ALA A 121 10.18 -9.16 -7.38
N PHE A 122 10.06 -8.58 -6.18
CA PHE A 122 11.08 -7.64 -5.74
C PHE A 122 12.38 -8.28 -5.32
N THR A 123 12.32 -9.36 -4.55
CA THR A 123 13.54 -10.03 -4.09
C THR A 123 14.39 -10.53 -5.26
N ALA A 124 13.72 -11.05 -6.29
CA ALA A 124 14.41 -11.56 -7.47
C ALA A 124 14.85 -10.45 -8.41
N GLY A 125 14.55 -9.21 -8.06
CA GLY A 125 14.94 -8.09 -8.91
C GLY A 125 14.17 -7.93 -10.21
N ARG A 126 12.99 -8.54 -10.31
CA ARG A 126 12.20 -8.43 -11.53
C ARG A 126 11.50 -7.07 -11.59
N MET A 127 11.19 -6.52 -10.42
CA MET A 127 10.52 -5.21 -10.30
C MET A 127 11.19 -4.34 -9.24
N LYS A 128 11.06 -3.03 -9.41
CA LYS A 128 11.59 -2.06 -8.47
C LYS A 128 10.50 -1.04 -8.14
N ALA A 129 10.41 -0.66 -6.86
CA ALA A 129 9.40 0.31 -6.44
C ALA A 129 9.84 1.72 -6.81
N GLU A 130 9.00 2.41 -7.56
CA GLU A 130 9.28 3.76 -8.04
C GLU A 130 9.02 4.89 -7.05
N PHE A 131 10.03 5.73 -6.81
CA PHE A 131 9.91 6.89 -5.93
C PHE A 131 10.32 8.12 -6.71
N PHE A 132 9.64 9.24 -6.49
CA PHE A 132 10.02 10.48 -7.17
C PHE A 132 11.42 10.83 -6.66
N ALA A 133 12.24 11.43 -7.52
CA ALA A 133 13.62 11.77 -7.19
C ALA A 133 13.85 12.67 -5.97
N ASP A 134 12.85 13.46 -5.59
CA ASP A 134 13.00 14.38 -4.46
C ASP A 134 12.75 13.76 -3.10
N VAL A 135 12.11 12.59 -3.07
CA VAL A 135 11.78 11.93 -1.82
C VAL A 135 12.95 11.58 -0.88
N VAL A 136 13.81 10.67 -1.33
CA VAL A 136 14.92 10.22 -0.52
C VAL A 136 15.83 11.33 0.02
N PRO A 137 16.25 12.27 -0.84
CA PRO A 137 17.12 13.33 -0.32
C PRO A 137 16.44 14.17 0.76
N ALA A 138 15.16 14.46 0.59
CA ALA A 138 14.41 15.25 1.57
C ALA A 138 14.27 14.48 2.87
N VAL A 139 13.90 13.21 2.78
CA VAL A 139 13.74 12.37 3.96
C VAL A 139 15.03 12.29 4.77
N ARG A 140 16.16 12.12 4.08
CA ARG A 140 17.44 12.05 4.75
C ARG A 140 17.72 13.33 5.53
N LYS A 141 17.45 14.49 4.92
CA LYS A 141 17.68 15.75 5.61
C LYS A 141 16.71 15.90 6.78
N TRP A 142 15.49 15.43 6.60
CA TRP A 142 14.50 15.51 7.66
C TRP A 142 14.99 14.75 8.87
N ARG A 143 15.50 13.54 8.63
CA ARG A 143 16.01 12.71 9.71
C ARG A 143 17.25 13.33 10.33
N GLU A 144 18.06 14.00 9.50
CA GLU A 144 19.27 14.65 10.00
C GLU A 144 18.86 15.77 10.95
N ALA A 145 17.68 16.34 10.70
CA ALA A 145 17.15 17.42 11.52
C ALA A 145 16.43 16.87 12.75
N GLY A 146 16.43 15.54 12.89
CA GLY A 146 15.79 14.91 14.04
C GLY A 146 14.34 14.47 13.87
N MET A 147 13.79 14.64 12.67
CA MET A 147 12.41 14.24 12.42
C MET A 147 12.28 12.72 12.36
N LYS A 148 11.14 12.21 12.83
CA LYS A 148 10.88 10.78 12.75
C LYS A 148 9.99 10.66 11.53
N VAL A 149 10.08 9.53 10.83
CA VAL A 149 9.31 9.35 9.61
C VAL A 149 8.53 8.04 9.58
N TYR A 150 7.22 8.14 9.40
CA TYR A 150 6.37 6.96 9.33
C TYR A 150 5.57 6.91 8.03
N ILE A 151 5.16 5.71 7.65
CA ILE A 151 4.40 5.48 6.42
C ILE A 151 2.97 5.00 6.74
N TYR A 152 2.00 5.52 5.99
CA TYR A 152 0.60 5.12 6.14
C TYR A 152 0.01 4.86 4.76
N SER A 153 -0.31 3.61 4.50
CA SER A 153 -0.85 3.20 3.21
C SER A 153 -1.84 2.04 3.39
N SER A 154 -2.75 1.86 2.44
CA SER A 154 -3.71 0.77 2.52
C SER A 154 -3.04 -0.56 2.16
N GLY A 155 -1.83 -0.48 1.60
CA GLY A 155 -1.10 -1.69 1.28
C GLY A 155 -0.58 -2.25 2.60
N SER A 156 -0.58 -3.57 2.75
CA SER A 156 -0.11 -4.18 4.00
C SER A 156 1.31 -3.73 4.31
N VAL A 157 1.65 -3.71 5.60
CA VAL A 157 2.98 -3.32 6.04
C VAL A 157 4.02 -4.24 5.40
N GLU A 158 3.69 -5.52 5.29
CA GLU A 158 4.60 -6.50 4.69
C GLU A 158 4.92 -6.10 3.25
N ALA A 159 3.90 -5.66 2.51
CA ALA A 159 4.09 -5.24 1.13
C ALA A 159 4.87 -3.91 1.10
N GLN A 160 4.53 -3.01 2.02
CA GLN A 160 5.22 -1.73 2.09
C GLN A 160 6.73 -1.92 2.25
N LYS A 161 7.10 -2.85 3.11
CA LYS A 161 8.51 -3.10 3.36
C LYS A 161 9.23 -3.57 2.10
N LEU A 162 8.51 -4.29 1.25
CA LEU A 162 9.12 -4.76 0.01
C LEU A 162 9.38 -3.56 -0.90
N LEU A 163 8.45 -2.62 -0.92
CA LEU A 163 8.61 -1.44 -1.75
C LEU A 163 9.85 -0.65 -1.33
N PHE A 164 9.96 -0.32 -0.05
CA PHE A 164 11.11 0.43 0.42
C PHE A 164 12.41 -0.35 0.37
N GLY A 165 12.32 -1.67 0.46
CA GLY A 165 13.53 -2.47 0.42
C GLY A 165 14.09 -2.67 -0.97
N HIS A 166 13.26 -2.45 -1.98
CA HIS A 166 13.67 -2.66 -3.38
C HIS A 166 13.22 -1.49 -4.26
N SER A 167 13.59 -0.28 -3.88
CA SER A 167 13.20 0.92 -4.62
C SER A 167 14.18 1.27 -5.72
N THR A 168 13.81 2.26 -6.52
CA THR A 168 14.66 2.73 -7.60
C THR A 168 15.86 3.42 -6.97
N GLU A 169 15.79 3.64 -5.66
CA GLU A 169 16.86 4.30 -4.91
C GLU A 169 17.61 3.27 -4.06
N GLY A 170 17.35 1.99 -4.32
CA GLY A 170 18.01 0.95 -3.55
C GLY A 170 17.20 0.57 -2.30
N ASP A 171 17.88 0.12 -1.26
CA ASP A 171 17.22 -0.25 -0.01
C ASP A 171 17.12 0.97 0.91
N ILE A 172 15.92 1.53 1.05
CA ILE A 172 15.76 2.70 1.91
C ILE A 172 14.89 2.44 3.14
N LEU A 173 14.84 1.18 3.57
CA LEU A 173 14.06 0.81 4.74
C LEU A 173 14.51 1.59 5.98
N GLU A 174 15.82 1.83 6.10
CA GLU A 174 16.37 2.54 7.25
C GLU A 174 15.90 3.99 7.36
N LEU A 175 15.33 4.52 6.28
CA LEU A 175 14.85 5.91 6.32
C LEU A 175 13.48 6.01 6.99
N VAL A 176 12.86 4.86 7.25
CA VAL A 176 11.54 4.82 7.86
C VAL A 176 11.57 4.27 9.28
N ASP A 177 10.84 4.92 10.18
CA ASP A 177 10.81 4.49 11.57
C ASP A 177 9.68 3.50 11.84
N GLY A 178 8.65 3.54 11.00
CA GLY A 178 7.55 2.62 11.17
C GLY A 178 6.53 2.67 10.05
N HIS A 179 5.71 1.63 9.96
CA HIS A 179 4.67 1.51 8.94
C HIS A 179 3.30 1.28 9.55
N PHE A 180 2.27 1.75 8.86
CA PHE A 180 0.88 1.58 9.28
C PHE A 180 0.04 1.22 8.05
N ASP A 181 -0.92 0.32 8.22
CA ASP A 181 -1.82 -0.05 7.13
C ASP A 181 -3.25 0.01 7.64
N THR A 182 -4.20 -0.56 6.90
CA THR A 182 -5.60 -0.50 7.31
C THR A 182 -5.93 -1.14 8.65
N LYS A 183 -4.98 -1.88 9.22
CA LYS A 183 -5.20 -2.51 10.52
C LYS A 183 -5.43 -1.45 11.59
N ILE A 184 -4.78 -0.29 11.42
CA ILE A 184 -4.91 0.80 12.38
C ILE A 184 -6.19 1.59 12.10
N GLY A 185 -6.86 1.25 11.01
CA GLY A 185 -8.09 1.93 10.63
C GLY A 185 -8.01 2.41 9.19
N HIS A 186 -9.15 2.81 8.63
CA HIS A 186 -9.18 3.29 7.25
C HIS A 186 -8.67 4.72 7.14
N LYS A 187 -8.04 5.02 6.00
CA LYS A 187 -7.45 6.33 5.78
C LYS A 187 -8.37 7.54 5.77
N VAL A 188 -9.67 7.34 5.58
CA VAL A 188 -10.60 8.47 5.56
C VAL A 188 -11.31 8.65 6.91
N GLU A 189 -10.86 7.93 7.93
CA GLU A 189 -11.46 8.04 9.25
C GLU A 189 -10.49 8.75 10.21
N SER A 190 -10.95 9.86 10.79
CA SER A 190 -10.12 10.63 11.71
C SER A 190 -9.58 9.82 12.88
N GLU A 191 -10.37 8.84 13.35
CA GLU A 191 -9.97 7.99 14.46
C GLU A 191 -8.66 7.26 14.15
N SER A 192 -8.46 6.91 12.88
CA SER A 192 -7.25 6.21 12.47
C SER A 192 -6.01 7.03 12.80
N TYR A 193 -6.09 8.34 12.58
CA TYR A 193 -4.96 9.22 12.85
C TYR A 193 -4.70 9.42 14.34
N ARG A 194 -5.74 9.35 15.16
CA ARG A 194 -5.57 9.49 16.60
C ARG A 194 -4.84 8.24 17.10
N LYS A 195 -5.12 7.10 16.47
CA LYS A 195 -4.47 5.85 16.87
C LYS A 195 -3.02 5.85 16.40
N ILE A 196 -2.77 6.42 15.23
CA ILE A 196 -1.41 6.47 14.72
C ILE A 196 -0.54 7.27 15.69
N ALA A 197 -1.08 8.38 16.21
CA ALA A 197 -0.32 9.18 17.16
C ALA A 197 -0.02 8.32 18.39
N ASP A 198 -1.01 7.54 18.83
CA ASP A 198 -0.84 6.67 19.99
C ASP A 198 0.23 5.61 19.78
N SER A 199 0.22 4.99 18.60
CA SER A 199 1.20 3.96 18.29
C SER A 199 2.60 4.55 18.21
N ILE A 200 2.72 5.73 17.63
CA ILE A 200 4.01 6.39 17.49
C ILE A 200 4.50 6.85 18.85
N GLY A 201 3.58 7.28 19.69
CA GLY A 201 3.92 7.74 21.03
C GLY A 201 4.04 9.25 21.09
N CYS A 202 3.22 9.94 20.29
CA CYS A 202 3.22 11.40 20.27
C CYS A 202 1.80 11.94 20.32
N SER A 203 1.66 13.24 20.10
CA SER A 203 0.35 13.88 20.09
C SER A 203 -0.02 14.11 18.63
N THR A 204 -1.32 14.22 18.35
CA THR A 204 -1.73 14.43 16.97
C THR A 204 -1.09 15.68 16.36
N ASN A 205 -0.94 16.72 17.17
CA ASN A 205 -0.35 17.98 16.70
C ASN A 205 1.16 17.94 16.43
N ASN A 206 1.83 16.83 16.74
CA ASN A 206 3.26 16.74 16.47
C ASN A 206 3.47 16.12 15.09
N ILE A 207 2.36 15.80 14.42
CA ILE A 207 2.40 15.15 13.10
C ILE A 207 2.05 16.02 11.89
N LEU A 208 2.84 15.89 10.83
CA LEU A 208 2.56 16.56 9.57
C LEU A 208 2.41 15.40 8.58
N PHE A 209 1.21 15.28 8.04
CA PHE A 209 0.84 14.23 7.10
C PHE A 209 0.82 14.75 5.67
N LEU A 210 1.58 14.09 4.79
CA LEU A 210 1.63 14.49 3.39
C LEU A 210 0.86 13.44 2.59
N THR A 211 -0.17 13.88 1.87
CA THR A 211 -0.99 12.98 1.06
C THR A 211 -1.49 13.71 -0.19
N ASP A 212 -1.92 12.94 -1.19
CA ASP A 212 -2.43 13.56 -2.42
C ASP A 212 -3.94 13.62 -2.48
N VAL A 213 -4.62 12.79 -1.69
CA VAL A 213 -6.08 12.74 -1.68
C VAL A 213 -6.67 13.61 -0.57
N THR A 214 -7.48 14.60 -0.95
CA THR A 214 -8.06 15.50 0.03
C THR A 214 -8.97 14.83 1.06
N ARG A 215 -9.60 13.71 0.69
CA ARG A 215 -10.46 13.00 1.64
C ARG A 215 -9.63 12.49 2.81
N GLU A 216 -8.36 12.20 2.55
CA GLU A 216 -7.46 11.74 3.60
C GLU A 216 -7.01 12.95 4.39
N ALA A 217 -6.68 14.03 3.67
CA ALA A 217 -6.24 15.25 4.32
C ALA A 217 -7.30 15.79 5.28
N SER A 218 -8.55 15.82 4.84
CA SER A 218 -9.60 16.35 5.72
C SER A 218 -9.84 15.46 6.93
N ALA A 219 -9.64 14.15 6.80
CA ALA A 219 -9.84 13.24 7.93
C ALA A 219 -8.74 13.45 8.96
N ALA A 220 -7.52 13.65 8.48
CA ALA A 220 -6.40 13.87 9.37
C ALA A 220 -6.53 15.24 10.05
N GLU A 221 -6.98 16.25 9.32
CA GLU A 221 -7.13 17.58 9.93
C GLU A 221 -8.15 17.53 11.06
N GLU A 222 -9.23 16.78 10.84
CA GLU A 222 -10.27 16.64 11.86
C GLU A 222 -9.70 15.93 13.10
N ALA A 223 -8.59 15.22 12.93
CA ALA A 223 -7.96 14.52 14.06
C ALA A 223 -6.90 15.42 14.68
N ASP A 224 -6.90 16.68 14.27
CA ASP A 224 -5.96 17.68 14.75
C ASP A 224 -4.51 17.35 14.39
N VAL A 225 -4.34 16.88 13.15
CA VAL A 225 -3.04 16.56 12.57
C VAL A 225 -2.78 17.64 11.51
N HIS A 226 -1.52 18.04 11.35
CA HIS A 226 -1.17 19.05 10.34
C HIS A 226 -1.12 18.33 9.00
N VAL A 227 -1.57 18.99 7.93
CA VAL A 227 -1.56 18.38 6.62
C VAL A 227 -1.03 19.27 5.51
N ALA A 228 -0.58 18.64 4.44
CA ALA A 228 -0.07 19.32 3.25
C ALA A 228 -0.46 18.38 2.12
N VAL A 229 -0.96 18.94 1.02
CA VAL A 229 -1.37 18.12 -0.11
C VAL A 229 -0.26 18.10 -1.16
N VAL A 230 0.14 16.90 -1.55
CA VAL A 230 1.19 16.70 -2.53
C VAL A 230 0.61 16.56 -3.92
N VAL A 231 1.13 17.36 -4.86
CA VAL A 231 0.65 17.31 -6.23
C VAL A 231 1.73 16.66 -7.09
N ARG A 232 1.38 15.56 -7.75
CA ARG A 232 2.32 14.84 -8.60
C ARG A 232 1.67 14.58 -9.96
N PRO A 233 2.49 14.23 -10.96
CA PRO A 233 1.92 13.97 -12.29
C PRO A 233 1.00 12.77 -12.26
N GLY A 234 -0.22 12.97 -12.76
CA GLY A 234 -1.21 11.91 -12.81
C GLY A 234 -2.20 11.90 -11.67
N ASN A 235 -2.01 12.76 -10.68
CA ASN A 235 -2.91 12.82 -9.53
C ASN A 235 -4.28 13.39 -9.87
N ALA A 236 -5.28 12.99 -9.09
CA ALA A 236 -6.64 13.49 -9.28
C ALA A 236 -6.60 14.99 -9.03
N GLY A 237 -7.24 15.77 -9.90
CA GLY A 237 -7.24 17.20 -9.74
C GLY A 237 -7.85 17.70 -8.44
N LEU A 238 -7.43 18.89 -8.03
CA LEU A 238 -7.95 19.52 -6.82
C LEU A 238 -8.93 20.60 -7.26
N THR A 239 -9.94 20.88 -6.44
CA THR A 239 -10.90 21.92 -6.79
C THR A 239 -10.23 23.25 -6.48
N ASP A 240 -10.75 24.34 -7.04
CA ASP A 240 -10.15 25.65 -6.79
C ASP A 240 -10.10 25.98 -5.30
N ASP A 241 -11.16 25.62 -4.58
CA ASP A 241 -11.22 25.89 -3.15
C ASP A 241 -10.16 25.09 -2.39
N GLU A 242 -9.97 23.83 -2.79
CA GLU A 242 -8.98 22.98 -2.14
C GLU A 242 -7.59 23.54 -2.39
N LYS A 243 -7.36 24.06 -3.60
CA LYS A 243 -6.08 24.64 -3.94
C LYS A 243 -5.80 25.88 -3.10
N THR A 244 -6.87 26.57 -2.70
CA THR A 244 -6.74 27.77 -1.90
C THR A 244 -6.68 27.45 -0.40
N TYR A 245 -7.40 26.42 0.01
CA TYR A 245 -7.45 26.02 1.42
C TYR A 245 -6.21 25.28 1.91
N TYR A 246 -5.83 24.21 1.21
CA TYR A 246 -4.69 23.40 1.61
C TYR A 246 -3.34 23.94 1.16
N SER A 247 -2.32 23.63 1.94
CA SER A 247 -0.95 24.03 1.61
C SER A 247 -0.50 22.95 0.63
N LEU A 248 -0.13 23.35 -0.57
CA LEU A 248 0.29 22.39 -1.59
C LEU A 248 1.78 22.41 -1.84
N ILE A 249 2.33 21.24 -2.20
CA ILE A 249 3.74 21.13 -2.52
C ILE A 249 3.89 20.17 -3.70
N THR A 250 4.82 20.49 -4.59
CA THR A 250 5.05 19.66 -5.77
C THR A 250 6.35 18.87 -5.63
N SER A 251 7.00 19.05 -4.49
CA SER A 251 8.24 18.36 -4.18
C SER A 251 8.52 18.34 -2.69
N PHE A 252 9.06 17.25 -2.17
CA PHE A 252 9.37 17.15 -0.75
C PHE A 252 10.42 18.20 -0.35
N SER A 253 11.17 18.69 -1.34
CA SER A 253 12.20 19.68 -1.08
C SER A 253 11.61 21.02 -0.67
N GLU A 254 10.35 21.24 -1.03
CA GLU A 254 9.64 22.47 -0.71
C GLU A 254 9.28 22.61 0.75
N LEU A 255 9.54 21.58 1.54
CA LEU A 255 9.21 21.61 2.95
C LEU A 255 10.40 22.15 3.74
N TYR A 256 10.19 23.23 4.48
CA TYR A 256 11.24 23.83 5.30
C TYR A 256 11.01 23.57 6.77
N LEU A 257 12.03 23.06 7.46
CA LEU A 257 11.94 22.78 8.88
C LEU A 257 12.58 23.90 9.69
MG MG B . -2.23 8.66 -2.23
MG MG C . -3.57 9.77 21.98
MG MG D . -2.70 22.90 18.07
C1 HPO E . 1.12 -2.71 -2.00
C2 HPO E . -0.09 -1.99 -2.45
C3 HPO E . -0.32 -0.58 -3.08
C4 HPO E . -0.23 0.58 -2.10
C5 HPO E . -0.50 1.90 -2.82
C6 HPO E . -1.50 2.46 -2.04
C7 HPO E . -2.99 2.65 -1.98
O1 HPO E . -1.04 3.40 -1.48
P1 HPO E . -3.64 3.43 -1.14
O2 HPO E . -4.96 2.72 -0.73
O3 HPO E . -4.08 4.69 -1.89
O4 HPO E . -3.05 4.06 0.36
#